data_3OXI
#
_entry.id   3OXI
#
_cell.length_a   60.020
_cell.length_b   78.081
_cell.length_c   83.514
_cell.angle_alpha   90.00
_cell.angle_beta   90.00
_cell.angle_gamma   90.00
#
_symmetry.space_group_name_H-M   'P 21 21 21'
#
loop_
_entity.id
_entity.type
_entity.pdbx_description
1 polymer 'Mitogen-activated protein kinase 10'
2 polymer 'Mitogen-activated protein kinase 8 interacting protein 1'
3 non-polymer 'methyl 3-[(thiophen-2-ylacetyl)amino]thiophene-2-carboxylate'
4 water water
#
loop_
_entity_poly.entity_id
_entity_poly.type
_entity_poly.pdbx_seq_one_letter_code
_entity_poly.pdbx_strand_id
1 'polypeptide(L)'
;SKSKVDNQFYSVEVGDSTFTVLKRYQNLKPIGSGAQGIVCAAYDAVLDRNVAIKKLSRPFQNQTHAKRAYRELVLMKCVN
HKNIISLLNVFTPQKTLEEFQDVYLVMELMDANLCQVIQMELDHERMSYLLYQMLCGIKHLHSAGIIHRDLKPSNIVVKS
DCTLKILDFGLARTAGTSFMMTPYVVTRYYRAPEVILGMGYKENVDIWSVGCIMGEMVRHKILFPGRDYIDQWNKVIEQL
GTPCPEFMKKLQPTVRNYVENRPKYAGLTFPKLFPDSLFPADSEHNKLKASQARDLLSKMLVIDPAKRISVDDALQHPYI
NVWYDPAEVEAPPPQIYDKQLDEREHTIEEWKELIYKEVMNS
;
A
2 'polypeptide(L)' PKRPTTLNLF J
#
loop_
_chem_comp.id
_chem_comp.type
_chem_comp.name
_chem_comp.formula
SYY non-polymer 'methyl 3-[(thiophen-2-ylacetyl)amino]thiophene-2-carboxylate' 'C12 H11 N O3 S2'
#
# COMPACT_ATOMS: atom_id res chain seq x y z
N ASN A 7 -0.20 20.32 32.84
CA ASN A 7 -0.25 20.19 31.34
C ASN A 7 0.40 18.88 30.83
N GLN A 8 -0.43 17.96 30.31
CA GLN A 8 0.04 16.72 29.74
C GLN A 8 0.69 16.85 28.37
N PHE A 9 0.69 18.05 27.79
CA PHE A 9 1.04 18.21 26.38
C PHE A 9 2.20 19.22 26.21
N TYR A 10 2.88 19.15 25.07
CA TYR A 10 3.81 20.19 24.68
C TYR A 10 3.72 20.32 23.18
N SER A 11 4.20 21.44 22.66
CA SER A 11 4.12 21.70 21.24
C SER A 11 5.49 21.73 20.61
N VAL A 12 5.56 21.21 19.38
CA VAL A 12 6.79 21.16 18.61
C VAL A 12 6.41 21.66 17.24
N GLU A 13 7.20 22.59 16.72
CA GLU A 13 6.95 23.10 15.38
C GLU A 13 7.70 22.22 14.41
N VAL A 14 6.97 21.74 13.42
CA VAL A 14 7.47 20.86 12.36
C VAL A 14 7.03 21.47 11.04
N GLY A 15 7.95 22.06 10.29
CA GLY A 15 7.56 22.83 9.09
C GLY A 15 6.64 23.98 9.52
N ASP A 16 5.66 24.29 8.69
CA ASP A 16 4.58 25.21 9.04
C ASP A 16 3.44 24.58 9.87
N SER A 17 3.74 23.49 10.58
CA SER A 17 2.74 22.77 11.35
C SER A 17 3.16 22.70 12.79
N THR A 18 2.23 22.73 13.73
CA THR A 18 2.59 22.43 15.11
C THR A 18 1.94 21.13 15.57
N PHE A 19 2.77 20.25 16.13
CA PHE A 19 2.33 19.02 16.71
C PHE A 19 2.25 19.30 18.19
N THR A 20 1.06 19.18 18.76
CA THR A 20 0.85 19.35 20.19
C THR A 20 0.55 17.94 20.67
N VAL A 21 1.53 17.35 21.37
CA VAL A 21 1.53 15.92 21.63
C VAL A 21 1.67 15.64 23.11
N LEU A 22 1.27 14.45 23.54
CA LEU A 22 1.54 14.02 24.89
C LEU A 22 3.08 14.02 25.14
N LYS A 23 3.47 14.32 26.38
CA LYS A 23 4.88 14.56 26.70
C LYS A 23 5.70 13.30 26.61
N ARG A 24 5.03 12.16 26.67
CA ARG A 24 5.66 10.85 26.44
C ARG A 24 6.28 10.71 25.06
N TYR A 25 5.85 11.55 24.10
CA TYR A 25 6.37 11.51 22.71
C TYR A 25 7.40 12.57 22.50
N GLN A 26 8.62 12.15 22.19
CA GLN A 26 9.79 12.96 22.36
C GLN A 26 10.62 12.96 21.10
N ASN A 27 11.35 14.04 20.85
CA ASN A 27 12.26 14.11 19.70
C ASN A 27 11.56 13.87 18.37
N LEU A 28 10.46 14.59 18.15
CA LEU A 28 9.68 14.46 16.92
C LEU A 28 10.52 14.93 15.74
N LYS A 29 10.54 14.14 14.67
CA LYS A 29 11.21 14.50 13.44
C LYS A 29 10.41 14.02 12.24
N PRO A 30 10.33 14.84 11.19
CA PRO A 30 9.51 14.51 10.03
C PRO A 30 10.09 13.37 9.23
N ILE A 31 9.26 12.40 8.87
CA ILE A 31 9.66 11.32 7.96
C ILE A 31 8.75 11.27 6.72
N GLY A 32 7.60 11.93 6.78
CA GLY A 32 6.64 11.93 5.69
C GLY A 32 6.04 13.30 5.47
N SER A 33 5.79 13.60 4.18
CA SER A 33 5.02 14.78 3.75
C SER A 33 4.24 14.36 2.49
N GLY A 34 2.91 14.30 2.63
CA GLY A 34 2.02 13.86 1.54
C GLY A 34 0.57 14.13 1.93
N ALA A 35 -0.23 14.52 0.93
CA ALA A 35 -1.62 15.02 1.08
C ALA A 35 -2.14 15.13 2.53
N GLN A 36 -2.73 14.02 3.01
CA GLN A 36 -2.97 13.72 4.45
C GLN A 36 -2.05 14.44 5.46
N GLY A 37 -0.73 14.50 5.17
CA GLY A 37 0.16 15.48 5.81
C GLY A 37 1.54 15.00 6.28
N ILE A 38 2.09 15.77 7.24
CA ILE A 38 3.35 15.43 7.87
C ILE A 38 3.20 14.24 8.83
N VAL A 39 4.05 13.23 8.64
CA VAL A 39 4.21 12.18 9.62
C VAL A 39 5.53 12.41 10.32
N CYS A 40 5.51 12.41 11.65
CA CYS A 40 6.74 12.48 12.43
C CYS A 40 7.05 11.17 13.11
N ALA A 41 8.29 10.75 12.97
CA ALA A 41 8.90 9.79 13.86
C ALA A 41 9.13 10.44 15.24
N ALA A 42 9.01 9.65 16.28
CA ALA A 42 9.14 10.10 17.67
C ALA A 42 9.53 8.93 18.55
N TYR A 43 10.04 9.23 19.72
CA TYR A 43 10.32 8.17 20.69
C TYR A 43 9.18 8.14 21.68
N ASP A 44 8.63 6.98 21.93
CA ASP A 44 7.61 6.85 22.96
C ASP A 44 8.24 6.42 24.31
N ALA A 45 8.30 7.33 25.28
CA ALA A 45 8.98 7.08 26.56
C ALA A 45 8.30 6.02 27.41
N VAL A 46 6.98 5.90 27.27
CA VAL A 46 6.18 4.95 28.03
C VAL A 46 6.33 3.53 27.53
N LEU A 47 6.40 3.36 26.21
CA LEU A 47 6.66 2.07 25.60
C LEU A 47 8.16 1.78 25.39
N ASP A 48 9.00 2.82 25.49
CA ASP A 48 10.44 2.72 25.18
C ASP A 48 10.61 2.15 23.77
N ARG A 49 10.01 2.88 22.83
CA ARG A 49 9.84 2.44 21.49
C ARG A 49 9.65 3.65 20.57
N ASN A 50 10.20 3.57 19.36
CA ASN A 50 9.92 4.56 18.32
C ASN A 50 8.56 4.38 17.68
N VAL A 51 7.87 5.47 17.44
CA VAL A 51 6.56 5.47 16.82
C VAL A 51 6.49 6.54 15.73
N ALA A 52 5.38 6.53 14.98
CA ALA A 52 5.07 7.53 13.94
C ALA A 52 3.76 8.22 14.31
N ILE A 53 3.78 9.55 14.28
CA ILE A 53 2.64 10.37 14.69
C ILE A 53 2.19 11.16 13.49
N LYS A 54 0.89 11.02 13.19
CA LYS A 54 0.22 11.65 12.05
C LYS A 54 -0.92 12.50 12.61
N LYS A 55 -0.86 13.78 12.32
CA LYS A 55 -1.91 14.72 12.63
C LYS A 55 -2.83 14.69 11.43
N LEU A 56 -3.98 14.04 11.55
CA LEU A 56 -5.07 14.17 10.55
C LEU A 56 -5.20 15.61 10.01
N SER A 57 -5.48 15.75 8.71
CA SER A 57 -5.56 17.08 8.11
C SER A 57 -7.00 17.61 8.10
N ARG A 58 -7.19 18.74 8.77
CA ARG A 58 -8.46 19.45 8.75
C ARG A 58 -9.70 18.53 8.82
N PRO A 59 -9.83 17.73 9.89
CA PRO A 59 -10.88 16.70 9.90
C PRO A 59 -12.31 17.25 9.98
N PHE A 60 -12.46 18.46 10.51
CA PHE A 60 -13.75 19.17 10.57
C PHE A 60 -13.83 20.39 9.58
N GLN A 61 -13.21 20.26 8.41
CA GLN A 61 -13.34 21.27 7.37
C GLN A 61 -14.75 21.13 6.76
N ASN A 62 -15.25 19.91 6.67
CA ASN A 62 -16.55 19.68 6.05
C ASN A 62 -17.01 18.26 6.27
N GLN A 63 -18.24 17.94 5.84
CA GLN A 63 -18.85 16.66 6.17
C GLN A 63 -18.01 15.57 5.60
N THR A 64 -17.42 15.88 4.45
CA THR A 64 -16.69 14.95 3.62
C THR A 64 -15.40 14.55 4.36
N HIS A 65 -14.66 15.56 4.83
CA HIS A 65 -13.49 15.36 5.66
C HIS A 65 -13.86 14.65 6.97
N ALA A 66 -14.97 15.04 7.59
CA ALA A 66 -15.40 14.45 8.86
C ALA A 66 -15.74 12.97 8.71
N LYS A 67 -16.50 12.60 7.69
CA LYS A 67 -16.94 11.21 7.61
C LYS A 67 -15.78 10.30 7.24
N ARG A 68 -14.81 10.84 6.51
CA ARG A 68 -13.58 10.17 6.15
C ARG A 68 -12.59 10.03 7.35
N ALA A 69 -12.51 11.04 8.21
CA ALA A 69 -11.75 10.95 9.46
C ALA A 69 -12.32 9.86 10.34
N TYR A 70 -13.62 9.88 10.51
CA TYR A 70 -14.28 8.93 11.36
C TYR A 70 -14.02 7.56 10.80
N ARG A 71 -14.23 7.41 9.49
CA ARG A 71 -14.00 6.12 8.81
C ARG A 71 -12.55 5.63 8.95
N GLU A 72 -11.61 6.55 8.78
CA GLU A 72 -10.18 6.20 8.98
C GLU A 72 -9.92 5.69 10.39
N LEU A 73 -10.47 6.37 11.39
CA LEU A 73 -10.28 5.97 12.78
C LEU A 73 -10.78 4.57 13.08
N VAL A 74 -12.05 4.29 12.77
CA VAL A 74 -12.67 2.99 13.06
C VAL A 74 -11.92 1.82 12.42
N LEU A 75 -11.49 1.99 11.18
CA LEU A 75 -10.82 0.90 10.46
C LEU A 75 -9.42 0.61 11.01
N MET A 76 -8.68 1.67 11.32
CA MET A 76 -7.37 1.52 11.94
C MET A 76 -7.48 0.87 13.31
N LYS A 77 -8.57 1.16 14.02
CA LYS A 77 -8.75 0.65 15.40
C LYS A 77 -9.19 -0.78 15.46
N CYS A 78 -9.66 -1.35 14.36
CA CYS A 78 -10.23 -2.70 14.40
C CYS A 78 -9.77 -3.62 13.29
N VAL A 79 -9.17 -3.09 12.23
CA VAL A 79 -8.45 -3.93 11.29
C VAL A 79 -7.01 -4.00 11.80
N ASN A 80 -6.77 -4.98 12.68
CA ASN A 80 -5.40 -5.29 13.10
C ASN A 80 -4.93 -6.62 12.50
N HIS A 81 -3.63 -6.71 12.28
CA HIS A 81 -3.00 -7.90 11.70
C HIS A 81 -1.51 -7.66 11.69
N LYS A 82 -0.73 -8.75 11.68
CA LYS A 82 0.73 -8.64 11.67
C LYS A 82 1.31 -7.94 10.46
N ASN A 83 0.56 -7.82 9.36
CA ASN A 83 1.05 -7.19 8.14
C ASN A 83 0.31 -5.90 7.74
N ILE A 84 -0.27 -5.21 8.72
CA ILE A 84 -0.82 -3.89 8.50
C ILE A 84 -0.27 -3.07 9.64
N ILE A 85 0.23 -1.88 9.35
CA ILE A 85 0.80 -1.04 10.41
C ILE A 85 -0.24 -0.84 11.53
N SER A 86 0.14 -1.16 12.77
CA SER A 86 -0.83 -1.05 13.85
C SER A 86 -0.89 0.37 14.45
N LEU A 87 -2.08 0.76 14.90
CA LEU A 87 -2.32 2.02 15.58
C LEU A 87 -2.06 1.74 17.04
N LEU A 88 -1.25 2.55 17.68
CA LEU A 88 -0.86 2.29 19.06
C LEU A 88 -1.68 3.15 20.01
N ASN A 89 -2.03 4.34 19.57
CA ASN A 89 -2.75 5.30 20.39
C ASN A 89 -3.39 6.33 19.44
N VAL A 90 -4.36 7.06 19.95
CA VAL A 90 -4.93 8.24 19.28
C VAL A 90 -5.25 9.27 20.38
N PHE A 91 -5.09 10.55 20.12
CA PHE A 91 -5.40 11.51 21.19
C PHE A 91 -5.73 12.87 20.61
N THR A 92 -6.29 13.74 21.43
CA THR A 92 -6.43 15.16 21.07
C THR A 92 -5.85 15.99 22.21
N PRO A 93 -5.19 17.11 21.91
CA PRO A 93 -4.78 18.09 22.95
C PRO A 93 -5.92 18.98 23.51
N GLN A 94 -7.03 19.07 22.80
CA GLN A 94 -8.15 19.85 23.25
C GLN A 94 -9.01 19.03 24.19
N LYS A 95 -9.55 19.73 25.18
CA LYS A 95 -10.16 19.09 26.32
C LYS A 95 -11.68 19.35 26.38
N THR A 96 -12.23 19.97 25.33
CA THR A 96 -13.68 20.08 25.15
C THR A 96 -14.10 20.04 23.67
N LEU A 97 -15.40 19.83 23.45
CA LEU A 97 -15.97 19.70 22.10
C LEU A 97 -15.95 21.05 21.44
N GLU A 98 -16.28 22.07 22.21
CA GLU A 98 -16.19 23.44 21.75
C GLU A 98 -14.84 23.59 21.00
N GLU A 99 -13.79 23.27 21.74
CA GLU A 99 -12.39 23.41 21.30
C GLU A 99 -11.96 22.42 20.19
N PHE A 100 -12.47 21.19 20.27
CA PHE A 100 -11.99 20.08 19.45
C PHE A 100 -11.67 20.42 18.00
N GLN A 101 -10.42 20.25 17.58
CA GLN A 101 -9.97 20.50 16.19
C GLN A 101 -9.06 19.42 15.63
N ASP A 102 -8.08 18.99 16.45
CA ASP A 102 -6.98 18.10 16.00
C ASP A 102 -7.06 16.68 16.58
N VAL A 103 -6.81 15.73 15.69
CA VAL A 103 -6.69 14.33 16.01
C VAL A 103 -5.30 13.78 15.62
N TYR A 104 -4.65 13.15 16.59
CA TYR A 104 -3.30 12.61 16.41
C TYR A 104 -3.36 11.08 16.46
N LEU A 105 -2.86 10.46 15.42
CA LEU A 105 -2.74 9.01 15.31
C LEU A 105 -1.32 8.59 15.63
N VAL A 106 -1.13 7.65 16.56
CA VAL A 106 0.23 7.10 16.86
C VAL A 106 0.32 5.67 16.34
N MET A 107 1.27 5.40 15.45
CA MET A 107 1.35 4.11 14.82
C MET A 107 2.72 3.49 15.11
N GLU A 108 2.88 2.22 14.78
CA GLU A 108 4.20 1.55 14.72
C GLU A 108 5.09 2.27 13.73
N LEU A 109 6.39 2.29 14.03
CA LEU A 109 7.41 2.71 13.13
C LEU A 109 8.33 1.53 12.83
N MET A 110 8.44 1.20 11.55
CA MET A 110 9.36 0.18 11.09
C MET A 110 10.59 0.93 10.64
N ASP A 111 11.47 0.21 9.94
CA ASP A 111 12.81 0.68 9.65
C ASP A 111 12.91 1.42 8.33
N ALA A 112 12.11 1.04 7.33
CA ALA A 112 12.27 1.55 5.97
C ALA A 112 11.06 1.28 5.04
N ASN A 113 11.13 1.87 3.85
CA ASN A 113 10.26 1.52 2.70
C ASN A 113 10.75 0.32 1.95
N LEU A 114 9.96 -0.10 0.96
CA LEU A 114 10.46 -1.06 -0.03
C LEU A 114 11.41 -0.46 -1.09
N CYS A 115 11.39 0.86 -1.25
CA CYS A 115 12.22 1.55 -2.23
C CYS A 115 13.62 1.07 -2.18
N GLN A 116 14.17 1.02 -0.97
CA GLN A 116 15.47 0.44 -0.70
C GLN A 116 15.57 -1.00 -1.24
N VAL A 117 14.74 -1.87 -0.69
CA VAL A 117 14.86 -3.30 -0.94
C VAL A 117 14.67 -3.69 -2.39
N ILE A 118 13.75 -3.04 -3.10
CA ILE A 118 13.54 -3.32 -4.50
C ILE A 118 14.87 -3.39 -5.27
N GLN A 119 15.74 -2.40 -5.03
CA GLN A 119 16.97 -2.23 -5.79
C GLN A 119 18.07 -3.24 -5.46
N MET A 120 18.03 -3.81 -4.25
CA MET A 120 18.95 -4.89 -3.84
C MET A 120 18.53 -6.26 -4.35
N GLU A 121 19.50 -7.14 -4.56
CA GLU A 121 19.18 -8.45 -5.12
C GLU A 121 18.90 -9.41 -3.99
N LEU A 122 17.77 -10.09 -4.06
CA LEU A 122 17.26 -10.88 -2.98
C LEU A 122 17.09 -12.33 -3.44
N ASP A 123 17.28 -13.25 -2.51
CA ASP A 123 17.03 -14.65 -2.78
C ASP A 123 15.53 -14.87 -2.90
N HIS A 124 15.16 -16.00 -3.47
CA HIS A 124 13.76 -16.41 -3.54
C HIS A 124 13.04 -16.49 -2.19
N GLU A 125 13.77 -16.83 -1.13
CA GLU A 125 13.17 -16.97 0.21
C GLU A 125 12.65 -15.64 0.70
N ARG A 126 13.51 -14.63 0.66
CA ARG A 126 13.15 -13.28 1.02
C ARG A 126 12.16 -12.69 0.03
N MET A 127 12.45 -12.83 -1.25
CA MET A 127 11.55 -12.36 -2.28
C MET A 127 10.15 -12.84 -1.98
N SER A 128 10.00 -14.17 -1.90
CA SER A 128 8.66 -14.74 -1.75
C SER A 128 8.04 -14.60 -0.36
N TYR A 129 8.84 -14.55 0.70
CA TYR A 129 8.35 -14.25 2.05
C TYR A 129 7.77 -12.83 2.17
N LEU A 130 8.47 -11.85 1.60
CA LEU A 130 7.95 -10.46 1.47
C LEU A 130 6.63 -10.39 0.73
N LEU A 131 6.59 -11.07 -0.42
CA LEU A 131 5.36 -11.12 -1.22
C LEU A 131 4.25 -11.79 -0.41
N TYR A 132 4.59 -12.83 0.36
CA TYR A 132 3.58 -13.55 1.16
C TYR A 132 2.98 -12.59 2.17
N GLN A 133 3.83 -11.86 2.87
CA GLN A 133 3.31 -10.91 3.85
C GLN A 133 2.40 -9.81 3.21
N MET A 134 2.77 -9.39 2.02
CA MET A 134 2.10 -8.31 1.30
C MET A 134 0.70 -8.82 1.07
N LEU A 135 0.64 -10.00 0.47
CA LEU A 135 -0.63 -10.61 0.11
C LEU A 135 -1.49 -10.79 1.34
N CYS A 136 -0.90 -11.22 2.44
CA CYS A 136 -1.69 -11.43 3.66
C CYS A 136 -2.30 -10.14 4.19
N GLY A 137 -1.52 -9.06 4.12
CA GLY A 137 -1.93 -7.76 4.63
C GLY A 137 -3.04 -7.26 3.75
N ILE A 138 -2.85 -7.35 2.43
CA ILE A 138 -3.88 -7.01 1.45
C ILE A 138 -5.16 -7.84 1.64
N LYS A 139 -5.04 -9.12 1.98
CA LYS A 139 -6.21 -9.95 2.21
C LYS A 139 -7.03 -9.46 3.40
N HIS A 140 -6.36 -9.12 4.50
CA HIS A 140 -7.04 -8.54 5.67
C HIS A 140 -7.72 -7.20 5.43
N LEU A 141 -7.06 -6.33 4.69
CA LEU A 141 -7.67 -5.09 4.21
C LEU A 141 -8.98 -5.39 3.48
N HIS A 142 -8.91 -6.27 2.48
CA HIS A 142 -10.09 -6.59 1.69
C HIS A 142 -11.16 -7.19 2.57
N SER A 143 -10.76 -8.08 3.49
CA SER A 143 -11.72 -8.66 4.45
C SER A 143 -12.47 -7.56 5.18
N ALA A 144 -11.75 -6.51 5.58
CA ALA A 144 -12.35 -5.37 6.25
C ALA A 144 -13.09 -4.45 5.30
N GLY A 145 -13.25 -4.87 4.05
CA GLY A 145 -13.87 -4.01 3.04
C GLY A 145 -13.02 -2.88 2.51
N ILE A 146 -11.69 -2.96 2.61
CA ILE A 146 -10.82 -1.89 2.09
C ILE A 146 -10.03 -2.28 0.84
N ILE A 147 -10.42 -1.74 -0.30
CA ILE A 147 -9.60 -1.87 -1.50
C ILE A 147 -8.65 -0.67 -1.55
N HIS A 148 -7.35 -0.94 -1.60
CA HIS A 148 -6.33 0.08 -1.45
C HIS A 148 -6.26 1.02 -2.66
N ARG A 149 -6.08 0.43 -3.85
CA ARG A 149 -5.93 1.13 -5.14
C ARG A 149 -4.60 1.83 -5.41
N ASP A 150 -3.80 2.10 -4.39
CA ASP A 150 -2.53 2.76 -4.60
C ASP A 150 -1.38 2.15 -3.82
N LEU A 151 -1.30 0.84 -3.79
CA LEU A 151 -0.11 0.18 -3.27
C LEU A 151 1.09 0.55 -4.11
N LYS A 152 2.21 0.72 -3.44
CA LYS A 152 3.48 0.97 -4.09
C LYS A 152 4.56 0.85 -3.05
N PRO A 153 5.81 0.91 -3.48
CA PRO A 153 6.93 0.70 -2.55
C PRO A 153 7.03 1.64 -1.34
N SER A 154 6.62 2.91 -1.51
CA SER A 154 6.70 3.93 -0.46
C SER A 154 5.57 3.77 0.56
N ASN A 155 4.55 2.99 0.19
CA ASN A 155 3.39 2.67 1.02
C ASN A 155 3.55 1.39 1.83
N ILE A 156 4.65 0.71 1.62
CA ILE A 156 4.86 -0.61 2.20
C ILE A 156 6.16 -0.54 2.95
N VAL A 157 6.15 -0.95 4.21
CA VAL A 157 7.28 -0.73 5.08
C VAL A 157 7.77 -2.05 5.67
N VAL A 158 9.07 -2.06 5.95
CA VAL A 158 9.81 -3.27 6.31
C VAL A 158 10.67 -3.08 7.54
N LYS A 159 11.02 -4.19 8.18
CA LYS A 159 11.91 -4.18 9.34
C LYS A 159 13.16 -5.05 9.09
N SER A 160 14.19 -4.87 9.91
CA SER A 160 15.49 -5.58 9.77
C SER A 160 15.44 -7.10 9.88
N ASP A 161 14.34 -7.64 10.37
CA ASP A 161 14.14 -9.10 10.45
C ASP A 161 13.20 -9.61 9.36
N CYS A 162 13.07 -8.83 8.29
CA CYS A 162 12.32 -9.24 7.13
C CYS A 162 10.80 -9.28 7.37
N THR A 163 10.32 -8.56 8.39
CA THR A 163 8.87 -8.34 8.55
C THR A 163 8.42 -7.19 7.67
N LEU A 164 7.16 -7.26 7.24
CA LEU A 164 6.59 -6.35 6.26
C LEU A 164 5.18 -5.97 6.69
N LYS A 165 4.87 -4.67 6.62
CA LYS A 165 3.52 -4.17 6.85
C LYS A 165 3.06 -3.14 5.79
N ILE A 166 1.76 -3.08 5.56
CA ILE A 166 1.14 -2.10 4.65
C ILE A 166 0.74 -0.86 5.44
N LEU A 167 1.09 0.32 4.92
CA LEU A 167 0.86 1.54 5.66
C LEU A 167 -0.61 1.88 5.88
N ASP A 168 -1.36 2.19 4.84
CA ASP A 168 -2.75 2.59 5.10
C ASP A 168 -3.68 2.21 3.95
N PHE A 169 -4.67 3.05 3.63
CA PHE A 169 -5.61 2.74 2.55
C PHE A 169 -6.23 3.99 1.93
N GLY A 170 -5.86 4.22 0.65
CA GLY A 170 -6.31 5.41 -0.09
C GLY A 170 -7.82 5.61 -0.06
N VAL A 186 2.64 12.64 -7.99
CA VAL A 186 2.54 11.27 -7.47
C VAL A 186 3.09 10.18 -8.41
N THR A 187 3.63 9.12 -7.81
CA THR A 187 3.90 7.85 -8.52
C THR A 187 2.58 7.18 -8.94
N ARG A 188 2.34 7.04 -10.24
CA ARG A 188 1.14 6.35 -10.75
C ARG A 188 1.54 5.07 -11.46
N TYR A 189 2.79 4.65 -11.30
CA TYR A 189 3.37 3.55 -12.07
C TYR A 189 2.89 2.15 -11.63
N TYR A 190 2.19 2.08 -10.51
CA TYR A 190 1.82 0.83 -9.87
C TYR A 190 0.31 0.64 -9.88
N ARG A 191 -0.39 1.59 -10.50
CA ARG A 191 -1.84 1.57 -10.55
C ARG A 191 -2.33 0.75 -11.72
N ALA A 192 -3.41 0.02 -11.48
CA ALA A 192 -3.91 -0.99 -12.39
C ALA A 192 -4.55 -0.32 -13.58
N PRO A 193 -4.53 -0.97 -14.76
CA PRO A 193 -5.06 -0.48 -16.02
C PRO A 193 -6.51 -0.02 -16.00
N GLU A 194 -7.32 -0.62 -15.14
CA GLU A 194 -8.73 -0.28 -15.09
C GLU A 194 -8.97 1.05 -14.37
N VAL A 195 -8.06 1.41 -13.48
CA VAL A 195 -7.95 2.78 -12.94
C VAL A 195 -7.47 3.75 -14.04
N ILE A 196 -6.22 3.58 -14.48
CA ILE A 196 -5.69 4.25 -15.67
C ILE A 196 -6.82 4.54 -16.65
N LEU A 197 -7.57 3.51 -17.04
CA LEU A 197 -8.63 3.67 -18.05
C LEU A 197 -9.98 4.16 -17.52
N GLY A 198 -10.15 4.21 -16.20
CA GLY A 198 -11.41 4.65 -15.59
C GLY A 198 -12.60 3.73 -15.90
N MET A 199 -12.46 2.42 -15.67
CA MET A 199 -13.52 1.47 -15.98
C MET A 199 -14.19 0.86 -14.74
N GLY A 200 -13.84 1.32 -13.55
CA GLY A 200 -14.32 0.67 -12.33
C GLY A 200 -13.47 -0.55 -12.03
N TYR A 201 -13.48 -1.01 -10.79
CA TYR A 201 -12.48 -1.95 -10.31
C TYR A 201 -12.98 -2.81 -9.15
N LYS A 202 -12.22 -3.89 -8.88
CA LYS A 202 -12.52 -4.79 -7.77
C LYS A 202 -11.26 -5.10 -6.96
N GLU A 203 -11.33 -6.13 -6.12
CA GLU A 203 -10.27 -6.44 -5.16
C GLU A 203 -8.93 -6.66 -5.85
N ASN A 204 -8.95 -7.36 -6.98
CA ASN A 204 -7.72 -7.70 -7.63
C ASN A 204 -7.10 -6.50 -8.34
N VAL A 205 -7.68 -5.32 -8.19
CA VAL A 205 -6.97 -4.06 -8.53
C VAL A 205 -5.60 -4.03 -7.86
N ASP A 206 -5.56 -4.46 -6.59
CA ASP A 206 -4.32 -4.46 -5.81
C ASP A 206 -3.34 -5.59 -6.17
N ILE A 207 -3.81 -6.61 -6.90
CA ILE A 207 -2.89 -7.65 -7.36
C ILE A 207 -1.96 -7.12 -8.44
N TRP A 208 -2.45 -6.27 -9.32
CA TRP A 208 -1.59 -5.64 -10.32
C TRP A 208 -0.39 -4.96 -9.65
N SER A 209 -0.68 -4.09 -8.68
CA SER A 209 0.33 -3.39 -7.93
C SER A 209 1.33 -4.34 -7.34
N VAL A 210 0.86 -5.45 -6.79
CA VAL A 210 1.77 -6.45 -6.31
C VAL A 210 2.64 -6.97 -7.46
N GLY A 211 2.05 -7.14 -8.65
CA GLY A 211 2.78 -7.61 -9.83
C GLY A 211 3.92 -6.65 -10.22
N CYS A 212 3.58 -5.37 -10.24
CA CYS A 212 4.50 -4.28 -10.50
C CYS A 212 5.67 -4.23 -9.51
N ILE A 213 5.40 -4.53 -8.25
CA ILE A 213 6.43 -4.43 -7.22
C ILE A 213 7.33 -5.63 -7.31
N MET A 214 6.75 -6.81 -7.44
CA MET A 214 7.49 -8.03 -7.73
C MET A 214 8.33 -7.98 -9.02
N GLY A 215 7.74 -7.45 -10.08
CA GLY A 215 8.45 -7.29 -11.34
C GLY A 215 9.68 -6.39 -11.15
N GLU A 216 9.47 -5.28 -10.48
CA GLU A 216 10.55 -4.34 -10.17
C GLU A 216 11.60 -4.89 -9.20
N MET A 217 11.19 -5.72 -8.25
CA MET A 217 12.13 -6.43 -7.38
C MET A 217 13.11 -7.25 -8.22
N VAL A 218 12.59 -7.87 -9.28
CA VAL A 218 13.37 -8.76 -10.13
C VAL A 218 14.20 -7.98 -11.16
N ARG A 219 13.56 -7.03 -11.84
CA ARG A 219 14.24 -6.29 -12.88
C ARG A 219 15.02 -5.08 -12.33
N HIS A 220 14.70 -4.66 -11.10
CA HIS A 220 15.26 -3.45 -10.44
C HIS A 220 14.95 -2.12 -11.11
N LYS A 221 13.93 -2.09 -11.96
CA LYS A 221 13.50 -0.88 -12.62
C LYS A 221 11.97 -0.83 -12.64
N ILE A 222 11.41 0.36 -12.45
CA ILE A 222 9.97 0.54 -12.60
C ILE A 222 9.53 -0.04 -13.96
N LEU A 223 8.65 -1.06 -13.90
CA LEU A 223 8.13 -1.72 -15.10
C LEU A 223 7.43 -0.79 -16.06
N PHE A 224 6.59 0.09 -15.54
CA PHE A 224 5.75 0.97 -16.36
C PHE A 224 5.90 2.45 -16.01
N PRO A 225 7.01 3.09 -16.41
CA PRO A 225 7.18 4.54 -16.22
C PRO A 225 6.34 5.43 -17.12
N GLY A 226 6.72 6.69 -17.20
CA GLY A 226 6.14 7.61 -18.16
C GLY A 226 5.69 8.85 -17.47
N ARG A 227 5.48 9.91 -18.25
CA ARG A 227 5.08 11.21 -17.73
C ARG A 227 3.69 11.08 -17.17
N ASP A 228 2.79 10.62 -18.02
CA ASP A 228 1.36 10.64 -17.73
C ASP A 228 0.71 9.32 -18.15
N TYR A 229 -0.60 9.25 -17.96
CA TYR A 229 -1.35 8.02 -18.21
C TYR A 229 -1.28 7.53 -19.68
N ILE A 230 -1.18 8.47 -20.62
CA ILE A 230 -1.01 8.09 -22.03
C ILE A 230 0.30 7.33 -22.24
N ASP A 231 1.39 7.89 -21.72
CA ASP A 231 2.71 7.27 -21.74
C ASP A 231 2.70 5.95 -20.99
N GLN A 232 2.16 5.97 -19.78
CA GLN A 232 1.88 4.75 -18.99
C GLN A 232 1.30 3.58 -19.80
N TRP A 233 0.14 3.81 -20.40
CA TRP A 233 -0.53 2.78 -21.18
C TRP A 233 0.40 2.17 -22.24
N ASN A 234 1.13 3.01 -22.96
CA ASN A 234 2.08 2.55 -24.00
C ASN A 234 3.08 1.56 -23.50
N LYS A 235 3.68 1.85 -22.36
CA LYS A 235 4.64 0.95 -21.74
C LYS A 235 3.97 -0.37 -21.40
N VAL A 236 2.70 -0.30 -21.02
CA VAL A 236 1.95 -1.49 -20.61
C VAL A 236 1.73 -2.35 -21.83
N ILE A 237 1.17 -1.79 -22.89
CA ILE A 237 0.93 -2.55 -24.11
C ILE A 237 2.23 -2.93 -24.80
N GLU A 238 3.21 -2.03 -24.79
CA GLU A 238 4.52 -2.37 -25.38
C GLU A 238 5.04 -3.67 -24.81
N GLN A 239 4.90 -3.87 -23.51
CA GLN A 239 5.51 -5.00 -22.85
C GLN A 239 4.63 -6.20 -22.72
N LEU A 240 3.34 -5.95 -22.44
CA LEU A 240 2.35 -7.01 -22.18
C LEU A 240 1.51 -7.41 -23.39
N GLY A 241 1.50 -6.52 -24.40
CA GLY A 241 0.70 -6.68 -25.60
C GLY A 241 -0.69 -6.08 -25.45
N THR A 242 -1.31 -5.72 -26.57
CA THR A 242 -2.70 -5.22 -26.60
C THR A 242 -3.65 -6.17 -25.91
N PRO A 243 -4.58 -5.64 -25.12
CA PRO A 243 -5.61 -6.52 -24.61
C PRO A 243 -6.56 -6.93 -25.77
N CYS A 244 -7.32 -7.98 -25.58
CA CYS A 244 -8.27 -8.44 -26.60
C CYS A 244 -9.56 -7.64 -26.60
N PRO A 245 -10.34 -7.72 -27.70
CA PRO A 245 -11.64 -7.04 -27.90
C PRO A 245 -12.66 -7.20 -26.78
N GLU A 246 -12.67 -8.34 -26.09
CA GLU A 246 -13.58 -8.56 -24.96
C GLU A 246 -13.20 -7.63 -23.77
N PHE A 247 -11.93 -7.26 -23.69
CA PHE A 247 -11.50 -6.16 -22.81
C PHE A 247 -11.97 -4.81 -23.36
N MET A 248 -11.77 -4.57 -24.65
CA MET A 248 -12.12 -3.26 -25.22
C MET A 248 -13.62 -2.96 -25.17
N LYS A 249 -14.46 -3.89 -25.63
CA LYS A 249 -15.92 -3.77 -25.50
C LYS A 249 -16.27 -3.22 -24.11
N LYS A 250 -15.75 -3.87 -23.07
CA LYS A 250 -15.86 -3.43 -21.66
C LYS A 250 -15.45 -1.98 -21.35
N LEU A 251 -14.80 -1.29 -22.30
CA LEU A 251 -14.36 0.11 -22.10
C LEU A 251 -15.45 1.09 -22.49
N GLN A 252 -15.45 2.24 -21.81
CA GLN A 252 -16.28 3.37 -22.16
C GLN A 252 -15.81 3.87 -23.53
N PRO A 253 -16.76 4.26 -24.41
CA PRO A 253 -16.49 4.40 -25.83
C PRO A 253 -15.28 5.29 -26.12
N THR A 254 -15.22 6.46 -25.49
CA THR A 254 -14.11 7.39 -25.66
C THR A 254 -12.70 6.76 -25.37
N VAL A 255 -12.57 6.12 -24.21
CA VAL A 255 -11.32 5.43 -23.85
C VAL A 255 -11.07 4.24 -24.80
N ARG A 256 -12.15 3.54 -25.18
CA ARG A 256 -12.09 2.42 -26.14
C ARG A 256 -11.57 2.82 -27.52
N ASN A 257 -11.81 4.07 -27.93
CA ASN A 257 -11.38 4.54 -29.25
C ASN A 257 -9.89 4.92 -29.29
N TYR A 258 -9.35 5.43 -28.19
CA TYR A 258 -7.91 5.67 -28.09
C TYR A 258 -7.18 4.33 -28.04
N VAL A 259 -7.60 3.52 -27.07
CA VAL A 259 -6.99 2.23 -26.81
C VAL A 259 -7.03 1.27 -27.99
N GLU A 260 -8.00 1.41 -28.91
CA GLU A 260 -8.06 0.56 -30.11
C GLU A 260 -7.26 1.08 -31.31
N ASN A 261 -6.86 2.35 -31.25
CA ASN A 261 -5.99 2.96 -32.28
C ASN A 261 -4.48 2.81 -32.05
N ARG A 262 -4.08 2.35 -30.87
CA ARG A 262 -2.69 2.07 -30.57
C ARG A 262 -2.21 0.93 -31.44
N PRO A 263 -0.88 0.85 -31.68
CA PRO A 263 -0.25 -0.30 -32.32
C PRO A 263 -0.72 -1.62 -31.72
N LYS A 264 -0.95 -2.62 -32.55
CA LYS A 264 -1.40 -3.90 -32.05
C LYS A 264 -0.20 -4.79 -31.72
N TYR A 265 0.34 -4.55 -30.52
CA TYR A 265 1.46 -5.32 -29.99
C TYR A 265 1.09 -6.70 -29.49
N ALA A 266 1.95 -7.68 -29.76
CA ALA A 266 1.80 -9.03 -29.25
C ALA A 266 2.23 -9.18 -27.80
N GLY A 267 3.14 -8.32 -27.35
CA GLY A 267 3.75 -8.51 -26.04
C GLY A 267 5.11 -9.15 -26.20
N LEU A 268 6.00 -8.85 -25.24
CA LEU A 268 7.38 -9.34 -25.26
C LEU A 268 7.48 -10.75 -24.69
N THR A 269 6.46 -11.18 -23.94
CA THR A 269 6.40 -12.52 -23.30
C THR A 269 7.15 -12.53 -21.97
N PHE A 270 6.71 -13.39 -21.05
CA PHE A 270 7.28 -13.41 -19.72
C PHE A 270 8.70 -13.97 -19.63
N PRO A 271 9.02 -15.01 -20.41
CA PRO A 271 10.41 -15.47 -20.40
C PRO A 271 11.42 -14.42 -20.80
N LYS A 272 11.04 -13.48 -21.65
CA LYS A 272 11.96 -12.42 -22.04
C LYS A 272 11.89 -11.14 -21.21
N LEU A 273 10.72 -10.84 -20.66
CA LEU A 273 10.59 -9.75 -19.70
C LEU A 273 11.34 -10.09 -18.41
N PHE A 274 11.32 -11.39 -18.05
CA PHE A 274 11.92 -11.88 -16.81
C PHE A 274 12.70 -13.14 -17.04
N PRO A 275 13.87 -13.03 -17.67
CA PRO A 275 14.70 -14.20 -17.92
C PRO A 275 15.34 -14.76 -16.64
N ASP A 276 15.69 -16.05 -16.69
CA ASP A 276 16.49 -16.74 -15.65
C ASP A 276 17.66 -15.92 -15.13
N SER A 277 18.27 -15.20 -16.05
CA SER A 277 19.39 -14.30 -15.80
C SER A 277 19.16 -13.39 -14.62
N LEU A 278 17.94 -12.88 -14.49
CA LEU A 278 17.64 -11.86 -13.49
C LEU A 278 17.41 -12.46 -12.10
N PHE A 279 17.23 -13.76 -12.04
CA PHE A 279 16.92 -14.39 -10.78
C PHE A 279 18.19 -14.90 -10.11
N PRO A 280 18.07 -15.35 -8.84
CA PRO A 280 19.12 -16.13 -8.21
C PRO A 280 18.84 -17.62 -8.40
N HIS A 285 16.55 -26.39 -7.70
CA HIS A 285 15.31 -25.61 -7.60
C HIS A 285 15.36 -24.25 -8.35
N ASN A 286 16.51 -23.56 -8.32
CA ASN A 286 16.59 -22.15 -8.75
C ASN A 286 15.98 -21.82 -10.13
N LYS A 287 16.02 -22.77 -11.06
CA LYS A 287 15.36 -22.61 -12.37
C LYS A 287 13.84 -22.77 -12.26
N LEU A 288 13.39 -23.75 -11.48
CA LEU A 288 11.96 -23.94 -11.15
C LEU A 288 11.55 -23.21 -9.85
N LYS A 289 12.38 -22.29 -9.37
CA LYS A 289 11.90 -21.23 -8.49
C LYS A 289 11.75 -20.01 -9.39
N ALA A 290 12.76 -19.76 -10.21
CA ALA A 290 12.67 -18.76 -11.29
C ALA A 290 11.35 -18.84 -12.06
N SER A 291 11.00 -20.03 -12.51
CA SER A 291 9.86 -20.22 -13.42
C SER A 291 8.52 -20.12 -12.68
N GLN A 292 8.55 -20.42 -11.38
CA GLN A 292 7.40 -20.19 -10.50
C GLN A 292 7.16 -18.70 -10.31
N ALA A 293 8.25 -17.97 -10.05
CA ALA A 293 8.18 -16.52 -9.92
C ALA A 293 7.56 -15.96 -11.18
N ARG A 294 8.09 -16.36 -12.33
CA ARG A 294 7.60 -15.88 -13.61
C ARG A 294 6.14 -16.24 -13.86
N ASP A 295 5.72 -17.42 -13.41
CA ASP A 295 4.35 -17.87 -13.59
C ASP A 295 3.47 -17.01 -12.73
N LEU A 296 3.89 -16.77 -11.49
CA LEU A 296 3.12 -15.85 -10.62
C LEU A 296 3.01 -14.48 -11.27
N LEU A 297 4.13 -13.92 -11.72
CA LEU A 297 4.13 -12.63 -12.45
C LEU A 297 3.18 -12.64 -13.65
N SER A 298 3.15 -13.72 -14.43
CA SER A 298 2.28 -13.77 -15.64
C SER A 298 0.78 -13.80 -15.29
N LYS A 299 0.48 -14.20 -14.06
CA LYS A 299 -0.91 -14.27 -13.56
C LYS A 299 -1.40 -13.00 -12.83
N MET A 300 -0.46 -12.17 -12.35
CA MET A 300 -0.76 -10.87 -11.72
C MET A 300 -0.66 -9.73 -12.73
N LEU A 301 0.35 -9.78 -13.61
CA LEU A 301 0.53 -8.70 -14.59
C LEU A 301 -0.36 -8.94 -15.80
N VAL A 302 -1.65 -9.01 -15.52
CA VAL A 302 -2.68 -9.29 -16.52
C VAL A 302 -3.55 -8.05 -16.66
N ILE A 303 -3.63 -7.51 -17.87
CA ILE A 303 -4.39 -6.29 -18.10
C ILE A 303 -5.89 -6.45 -17.70
N ASP A 304 -6.51 -7.53 -18.17
CA ASP A 304 -7.93 -7.77 -17.91
C ASP A 304 -8.15 -8.27 -16.50
N PRO A 305 -8.81 -7.45 -15.68
CA PRO A 305 -9.09 -7.87 -14.32
C PRO A 305 -9.84 -9.18 -14.20
N ALA A 306 -10.71 -9.50 -15.15
CA ALA A 306 -11.43 -10.80 -15.10
C ALA A 306 -10.51 -12.00 -15.28
N LYS A 307 -9.40 -11.81 -16.00
CA LYS A 307 -8.40 -12.89 -16.21
C LYS A 307 -7.20 -12.85 -15.26
N ARG A 308 -7.18 -11.88 -14.34
CA ARG A 308 -6.06 -11.70 -13.41
C ARG A 308 -6.27 -12.51 -12.14
N ILE A 309 -5.20 -13.06 -11.60
CA ILE A 309 -5.28 -13.85 -10.38
C ILE A 309 -5.86 -13.03 -9.20
N SER A 310 -6.46 -13.73 -8.24
CA SER A 310 -7.00 -13.16 -7.02
C SER A 310 -6.01 -13.33 -5.88
N VAL A 311 -6.23 -12.60 -4.79
CA VAL A 311 -5.36 -12.68 -3.62
C VAL A 311 -5.30 -14.09 -3.08
N ASP A 312 -6.46 -14.71 -2.94
CA ASP A 312 -6.52 -16.07 -2.44
C ASP A 312 -5.70 -17.02 -3.33
N ASP A 313 -5.87 -16.90 -4.64
CA ASP A 313 -5.11 -17.72 -5.57
C ASP A 313 -3.60 -17.43 -5.56
N ALA A 314 -3.22 -16.15 -5.49
CA ALA A 314 -1.81 -15.75 -5.36
C ALA A 314 -1.17 -16.34 -4.10
N LEU A 315 -1.89 -16.29 -2.97
CA LEU A 315 -1.42 -16.93 -1.74
C LEU A 315 -1.28 -18.46 -1.89
N GLN A 316 -2.13 -19.03 -2.75
CA GLN A 316 -2.16 -20.47 -3.04
C GLN A 316 -1.14 -20.89 -4.09
N HIS A 317 -0.40 -19.95 -4.65
CA HIS A 317 0.55 -20.27 -5.69
C HIS A 317 1.79 -20.94 -5.10
N PRO A 318 2.32 -21.97 -5.78
CA PRO A 318 3.51 -22.68 -5.29
C PRO A 318 4.66 -21.79 -4.79
N TYR A 319 4.89 -20.68 -5.48
CA TYR A 319 5.95 -19.73 -5.13
C TYR A 319 5.72 -19.08 -3.77
N ILE A 320 4.46 -18.81 -3.45
CA ILE A 320 4.11 -18.14 -2.22
C ILE A 320 3.64 -19.14 -1.16
N ASN A 321 3.01 -20.22 -1.62
CA ASN A 321 2.32 -21.14 -0.73
C ASN A 321 3.20 -21.85 0.28
N VAL A 322 4.52 -21.79 0.07
CA VAL A 322 5.46 -22.47 0.97
C VAL A 322 5.41 -21.90 2.39
N TRP A 323 5.05 -20.62 2.52
CA TRP A 323 4.97 -19.96 3.82
C TRP A 323 3.61 -20.08 4.46
N TYR A 324 2.69 -20.75 3.78
CA TYR A 324 1.30 -20.76 4.20
C TYR A 324 1.17 -21.16 5.68
N ASP A 325 0.47 -20.31 6.43
CA ASP A 325 0.10 -20.57 7.81
C ASP A 325 -1.33 -20.07 8.00
N PRO A 326 -2.30 -20.99 8.17
CA PRO A 326 -3.71 -20.61 8.31
C PRO A 326 -3.96 -19.49 9.31
N ALA A 327 -3.16 -19.44 10.37
CA ALA A 327 -3.28 -18.43 11.41
C ALA A 327 -3.12 -17.01 10.86
N GLU A 328 -2.52 -16.89 9.67
CA GLU A 328 -2.19 -15.57 9.11
C GLU A 328 -3.08 -15.21 7.93
N VAL A 329 -3.51 -16.22 7.17
CA VAL A 329 -4.30 -15.98 5.95
C VAL A 329 -5.80 -15.88 6.25
N ARG A 344 -25.26 8.13 5.42
CA ARG A 344 -25.38 8.41 6.87
C ARG A 344 -24.98 9.87 7.22
N GLU A 345 -25.99 10.67 7.57
CA GLU A 345 -25.88 12.14 7.51
C GLU A 345 -25.81 12.78 8.87
N HIS A 346 -24.71 13.51 9.14
CA HIS A 346 -24.48 14.16 10.43
C HIS A 346 -23.95 15.57 10.26
N THR A 347 -24.31 16.45 11.17
CA THR A 347 -23.71 17.77 11.20
C THR A 347 -22.22 17.68 11.65
N ILE A 348 -21.48 18.76 11.47
CA ILE A 348 -20.09 18.80 11.89
C ILE A 348 -19.99 18.50 13.38
N GLU A 349 -20.81 19.20 14.15
CA GLU A 349 -20.96 18.99 15.58
C GLU A 349 -21.19 17.53 15.93
N GLU A 350 -22.10 16.90 15.19
CA GLU A 350 -22.45 15.51 15.42
C GLU A 350 -21.27 14.60 15.08
N TRP A 351 -20.52 14.94 14.03
CA TRP A 351 -19.30 14.21 13.70
C TRP A 351 -18.19 14.38 14.74
N LYS A 352 -18.06 15.56 15.33
CA LYS A 352 -17.10 15.80 16.42
C LYS A 352 -17.36 14.94 17.64
N GLU A 353 -18.62 14.88 18.04
CA GLU A 353 -19.09 13.97 19.08
C GLU A 353 -18.64 12.54 18.79
N LEU A 354 -18.92 12.06 17.59
CA LEU A 354 -18.61 10.67 17.21
C LEU A 354 -17.12 10.37 17.15
N ILE A 355 -16.36 11.30 16.59
CA ILE A 355 -14.93 11.17 16.50
C ILE A 355 -14.27 11.24 17.88
N TYR A 356 -14.59 12.25 18.67
CA TYR A 356 -14.10 12.37 20.05
C TYR A 356 -14.34 11.06 20.84
N LYS A 357 -15.53 10.50 20.73
CA LYS A 357 -15.80 9.20 21.35
C LYS A 357 -14.73 8.19 20.97
N GLU A 358 -14.37 8.17 19.70
CA GLU A 358 -13.34 7.30 19.18
C GLU A 358 -11.95 7.61 19.70
N VAL A 359 -11.66 8.87 20.00
CA VAL A 359 -10.31 9.26 20.41
C VAL A 359 -9.99 8.69 21.78
N MET A 360 -10.84 8.99 22.75
CA MET A 360 -10.87 8.23 24.02
C MET A 360 -11.15 6.71 23.78
N ASN A 361 -11.86 6.40 22.69
CA ASN A 361 -12.48 5.09 22.39
C ASN A 361 -13.13 4.34 23.56
N PRO B 1 8.24 -24.62 7.37
CA PRO B 1 9.35 -24.02 6.64
C PRO B 1 9.94 -22.80 7.35
N LYS B 2 11.26 -22.68 7.32
CA LYS B 2 11.96 -21.65 8.09
C LYS B 2 11.97 -20.35 7.30
N ARG B 3 11.22 -19.34 7.79
CA ARG B 3 11.18 -18.04 7.11
C ARG B 3 12.39 -17.19 7.45
N PRO B 4 12.85 -16.35 6.49
CA PRO B 4 13.99 -15.49 6.79
C PRO B 4 13.76 -14.61 8.03
N THR B 5 14.84 -14.33 8.74
CA THR B 5 14.78 -13.49 9.93
C THR B 5 15.75 -12.31 9.84
N THR B 6 16.36 -12.12 8.68
CA THR B 6 17.27 -11.00 8.44
C THR B 6 16.93 -10.36 7.07
N LEU B 7 17.16 -9.06 6.98
CA LEU B 7 16.98 -8.30 5.76
C LEU B 7 17.91 -7.13 5.87
N ASN B 8 18.87 -7.04 4.96
CA ASN B 8 19.91 -6.05 5.10
C ASN B 8 19.45 -4.71 4.58
N LEU B 9 18.84 -3.94 5.48
CA LEU B 9 18.31 -2.61 5.16
C LEU B 9 19.45 -1.61 5.23
N PHE B 10 20.42 -1.90 6.09
CA PHE B 10 21.61 -1.07 6.23
C PHE B 10 22.17 -0.63 4.87
S SYY C . 3.57 5.95 9.06
C1 SYY C . 5.08 3.92 9.73
N1 SYY C . 7.06 4.45 8.25
O1 SYY C . 6.50 6.63 6.54
C2 SYY C . 5.83 4.64 8.79
O2 SYY C . 4.91 8.07 7.06
S2 SYY C . 10.62 5.45 7.75
C3 SYY C . 5.11 5.83 8.27
O3 SYY C . 7.38 2.55 9.44
C5 SYY C . 3.85 4.51 9.98
C6 SYY C . 5.55 6.83 7.26
C9 SYY C . 5.67 8.94 6.20
C11 SYY C . 7.78 3.39 8.62
C12 SYY C . 9.14 3.19 8.00
C14 SYY C . 9.53 4.31 7.07
C15 SYY C . 9.22 4.66 5.74
C16 SYY C . 9.88 5.83 5.33
C17 SYY C . 10.69 6.39 6.31
#